data_6EKP
#
_entry.id   6EKP
#
_cell.length_a   55.035
_cell.length_b   63.123
_cell.length_c   64.640
_cell.angle_alpha   90.000
_cell.angle_beta   90.000
_cell.angle_gamma   90.000
#
_symmetry.space_group_name_H-M   'P 21 21 21'
#
loop_
_entity.id
_entity.type
_entity.pdbx_description
1 polymer 'Trp operon repressor'
2 non-polymer '1H-INDOL-3-YLACETIC ACID'
3 non-polymer 3,6,9,12,15-PENTAOXAHEPTADECANE
4 water water
#
_entity_poly.entity_id   1
_entity_poly.type   'polypeptide(L)'
_entity_poly.pdbx_seq_one_letter_code
;MAQQSPYSAAMAEQRHQEWLRFVDLLKNAYQNDLHLPLLNLMLLPDEREALGTRVRIVEELLRGEMSQRELKNELGAGIA
MITRGSNYLKAAPVELRQWLEEVLLKSDLEHHHHHH
;
_entity_poly.pdbx_strand_id   A,B
#
loop_
_chem_comp.id
_chem_comp.type
_chem_comp.name
_chem_comp.formula
IAC non-polymer '1H-INDOL-3-YLACETIC ACID' 'C10 H9 N O2'
P3G non-polymer 3,6,9,12,15-PENTAOXAHEPTADECANE 'C12 H26 O5'
#
# COMPACT_ATOMS: atom_id res chain seq x y z
N GLN A 4 10.07 20.32 -18.17
CA GLN A 4 10.60 19.81 -16.92
C GLN A 4 12.02 20.35 -16.68
N SER A 5 12.20 21.04 -15.56
CA SER A 5 13.49 21.61 -15.20
C SER A 5 14.38 20.55 -14.59
N PRO A 6 15.71 20.75 -14.61
CA PRO A 6 16.59 19.84 -13.88
C PRO A 6 16.21 19.65 -12.43
N TYR A 7 15.74 20.71 -11.76
CA TYR A 7 15.30 20.58 -10.38
C TYR A 7 14.14 19.59 -10.26
N SER A 8 13.10 19.79 -11.07
CA SER A 8 11.93 18.92 -10.98
C SER A 8 12.26 17.50 -11.42
N ALA A 9 13.13 17.37 -12.43
CA ALA A 9 13.54 16.04 -12.87
C ALA A 9 14.31 15.31 -11.77
N ALA A 10 15.19 16.01 -11.08
CA ALA A 10 15.95 15.40 -9.99
C ALA A 10 15.03 14.95 -8.87
N MET A 11 14.04 15.77 -8.54
CA MET A 11 13.08 15.39 -7.50
C MET A 11 12.27 14.18 -7.93
N ALA A 12 11.83 14.15 -9.19
CA ALA A 12 11.02 13.03 -9.66
C ALA A 12 11.81 11.73 -9.66
N GLU A 13 13.09 11.79 -10.02
CA GLU A 13 13.90 10.57 -9.99
C GLU A 13 14.11 10.09 -8.57
N GLN A 14 14.28 11.03 -7.63
CA GLN A 14 14.44 10.66 -6.23
C GLN A 14 13.18 9.99 -5.69
N ARG A 15 12.01 10.56 -6.02
CA ARG A 15 10.76 9.93 -5.60
C ARG A 15 10.64 8.52 -6.21
N HIS A 16 11.05 8.37 -7.48
CA HIS A 16 10.97 7.06 -8.10
C HIS A 16 11.83 6.05 -7.39
N GLN A 17 13.06 6.43 -7.03
CA GLN A 17 13.94 5.53 -6.30
C GLN A 17 13.37 5.21 -4.92
N GLU A 18 12.78 6.20 -4.25
CA GLU A 18 12.20 5.94 -2.94
C GLU A 18 11.03 4.96 -3.03
N TRP A 19 10.24 5.05 -4.10
CA TRP A 19 9.14 4.12 -4.30
C TRP A 19 9.67 2.71 -4.57
N LEU A 20 10.67 2.59 -5.44
CA LEU A 20 11.26 1.27 -5.70
C LEU A 20 11.85 0.69 -4.43
N ARG A 21 12.39 1.54 -3.54
CA ARG A 21 12.92 1.03 -2.29
C ARG A 21 11.83 0.43 -1.43
N PHE A 22 10.67 1.07 -1.34
CA PHE A 22 9.53 0.47 -0.65
C PHE A 22 9.16 -0.86 -1.30
N VAL A 23 9.08 -0.88 -2.63
CA VAL A 23 8.69 -2.10 -3.33
C VAL A 23 9.64 -3.24 -2.98
N ASP A 24 10.95 -2.96 -2.97
CA ASP A 24 11.92 -4.00 -2.66
C ASP A 24 11.87 -4.40 -1.20
N LEU A 25 11.62 -3.44 -0.30
CA LEU A 25 11.50 -3.77 1.12
C LEU A 25 10.35 -4.73 1.34
N LEU A 26 9.20 -4.46 0.73
CA LEU A 26 8.04 -5.34 0.88
C LEU A 26 8.28 -6.69 0.21
N LYS A 27 8.97 -6.70 -0.94
CA LYS A 27 9.33 -7.97 -1.55
C LYS A 27 10.11 -8.84 -0.57
N ASN A 28 11.11 -8.25 0.09
CA ASN A 28 11.93 -8.99 1.03
C ASN A 28 11.13 -9.37 2.27
N ALA A 29 10.17 -8.54 2.67
CA ALA A 29 9.31 -8.91 3.80
C ALA A 29 8.51 -10.16 3.48
N TYR A 30 7.95 -10.23 2.26
CA TYR A 30 7.23 -11.44 1.86
C TYR A 30 8.14 -12.66 1.96
N GLN A 31 9.40 -12.52 1.52
CA GLN A 31 10.32 -13.64 1.55
C GLN A 31 10.65 -14.07 2.97
N ASN A 32 10.56 -13.14 3.92
CA ASN A 32 10.84 -13.41 5.33
C ASN A 32 9.57 -13.59 6.15
N ASP A 33 8.42 -13.71 5.51
CA ASP A 33 7.13 -13.84 6.19
C ASP A 33 6.95 -12.76 7.24
N LEU A 34 7.38 -11.54 6.90
CA LEU A 34 7.16 -10.37 7.74
C LEU A 34 6.29 -9.33 7.05
N HIS A 35 5.65 -9.70 5.92
CA HIS A 35 4.86 -8.75 5.16
C HIS A 35 3.66 -8.25 5.96
N LEU A 36 3.01 -9.11 6.75
CA LEU A 36 1.84 -8.67 7.49
C LEU A 36 2.18 -7.59 8.51
N PRO A 37 3.16 -7.76 9.40
CA PRO A 37 3.49 -6.65 10.30
C PRO A 37 4.07 -5.44 9.59
N LEU A 38 4.83 -5.63 8.51
CA LEU A 38 5.34 -4.47 7.78
C LEU A 38 4.20 -3.64 7.21
N LEU A 39 3.18 -4.31 6.65
CA LEU A 39 2.06 -3.56 6.08
C LEU A 39 1.25 -2.87 7.17
N ASN A 40 1.18 -3.44 8.37
CA ASN A 40 0.49 -2.77 9.48
C ASN A 40 1.25 -1.53 9.92
N LEU A 41 2.58 -1.54 9.84
CA LEU A 41 3.38 -0.37 10.17
C LEU A 41 3.26 0.71 9.10
N MET A 42 3.28 0.31 7.83
CA MET A 42 3.37 1.26 6.73
C MET A 42 2.03 1.81 6.27
N LEU A 43 0.93 1.15 6.60
CA LEU A 43 -0.40 1.55 6.15
C LEU A 43 -1.33 1.70 7.34
N LEU A 44 -2.13 2.75 7.33
CA LEU A 44 -3.14 2.94 8.35
C LEU A 44 -4.30 1.97 8.13
N PRO A 45 -5.06 1.65 9.17
CA PRO A 45 -6.20 0.73 9.00
C PRO A 45 -7.15 1.14 7.88
N ASP A 46 -7.50 2.43 7.78
CA ASP A 46 -8.40 2.85 6.72
C ASP A 46 -7.77 2.69 5.34
N GLU A 47 -6.44 2.79 5.25
CA GLU A 47 -5.77 2.59 3.98
C GLU A 47 -5.77 1.12 3.58
N ARG A 48 -5.59 0.23 4.55
CA ARG A 48 -5.67 -1.20 4.25
C ARG A 48 -7.07 -1.58 3.79
N GLU A 49 -8.11 -1.03 4.45
CA GLU A 49 -9.47 -1.29 4.01
C GLU A 49 -9.68 -0.84 2.58
N ALA A 50 -9.19 0.36 2.24
CA ALA A 50 -9.36 0.86 0.88
C ALA A 50 -8.73 -0.08 -0.14
N LEU A 51 -7.54 -0.60 0.17
CA LEU A 51 -6.88 -1.51 -0.77
C LEU A 51 -7.70 -2.79 -0.94
N GLY A 52 -8.27 -3.32 0.13
CA GLY A 52 -9.11 -4.48 0.02
C GLY A 52 -10.32 -4.22 -0.86
N THR A 53 -10.93 -3.04 -0.71
CA THR A 53 -12.09 -2.69 -1.52
C THR A 53 -11.70 -2.47 -2.97
N ARG A 54 -10.54 -1.86 -3.22
CA ARG A 54 -10.10 -1.63 -4.59
C ARG A 54 -9.93 -2.94 -5.34
N VAL A 55 -9.46 -3.99 -4.66
CA VAL A 55 -9.37 -5.30 -5.30
C VAL A 55 -10.73 -5.77 -5.76
N ARG A 56 -11.76 -5.61 -4.92
CA ARG A 56 -13.10 -6.00 -5.29
C ARG A 56 -13.62 -5.18 -6.47
N ILE A 57 -13.36 -3.87 -6.46
CA ILE A 57 -13.78 -3.03 -7.57
C ILE A 57 -13.15 -3.51 -8.87
N VAL A 58 -11.83 -3.78 -8.84
CA VAL A 58 -11.14 -4.28 -10.02
C VAL A 58 -11.76 -5.59 -10.47
N GLU A 59 -11.95 -6.53 -9.53
CA GLU A 59 -12.56 -7.82 -9.86
C GLU A 59 -13.91 -7.63 -10.55
N GLU A 60 -14.78 -6.81 -9.96
CA GLU A 60 -16.13 -6.70 -10.48
C GLU A 60 -16.16 -5.93 -11.80
N LEU A 61 -15.24 -4.99 -11.99
CA LEU A 61 -15.14 -4.32 -13.29
C LEU A 61 -14.73 -5.30 -14.38
N LEU A 62 -13.77 -6.17 -14.09
CA LEU A 62 -13.35 -7.18 -15.05
C LEU A 62 -14.45 -8.21 -15.29
N ARG A 63 -15.17 -8.58 -14.23
CA ARG A 63 -16.25 -9.55 -14.38
C ARG A 63 -17.39 -8.99 -15.22
N GLY A 64 -17.71 -7.72 -15.05
CA GLY A 64 -18.71 -7.07 -15.86
C GLY A 64 -20.14 -7.43 -15.54
N GLU A 65 -20.39 -8.12 -14.43
CA GLU A 65 -21.73 -8.56 -14.08
C GLU A 65 -22.47 -7.55 -13.22
N MET A 66 -21.81 -6.97 -12.22
CA MET A 66 -22.46 -6.02 -11.33
C MET A 66 -22.76 -4.72 -12.07
N SER A 67 -23.92 -4.15 -11.77
CA SER A 67 -24.29 -2.86 -12.34
C SER A 67 -23.64 -1.73 -11.55
N GLN A 68 -23.77 -0.50 -12.08
CA GLN A 68 -23.24 0.66 -11.39
C GLN A 68 -23.86 0.80 -10.01
N ARG A 69 -25.17 0.61 -9.90
CA ARG A 69 -25.84 0.73 -8.61
C ARG A 69 -25.33 -0.32 -7.64
N GLU A 70 -25.12 -1.55 -8.12
CA GLU A 70 -24.62 -2.61 -7.24
C GLU A 70 -23.20 -2.31 -6.80
N LEU A 71 -22.36 -1.81 -7.70
CA LEU A 71 -21.00 -1.40 -7.32
C LEU A 71 -21.05 -0.32 -6.25
N LYS A 72 -21.99 0.62 -6.36
CA LYS A 72 -22.14 1.67 -5.37
C LYS A 72 -22.58 1.10 -4.02
N ASN A 73 -23.62 0.25 -4.03
CA ASN A 73 -24.19 -0.23 -2.77
C ASN A 73 -23.27 -1.24 -2.09
N GLU A 74 -22.64 -2.12 -2.85
CA GLU A 74 -21.84 -3.18 -2.25
C GLU A 74 -20.41 -2.76 -1.96
N LEU A 75 -19.82 -1.92 -2.81
CA LEU A 75 -18.42 -1.54 -2.67
C LEU A 75 -18.21 -0.06 -2.40
N GLY A 76 -19.28 0.75 -2.34
CA GLY A 76 -19.13 2.17 -2.14
C GLY A 76 -18.46 2.90 -3.29
N ALA A 77 -18.46 2.31 -4.48
CA ALA A 77 -17.76 2.86 -5.63
C ALA A 77 -18.74 3.70 -6.45
N GLY A 78 -18.63 5.02 -6.36
CA GLY A 78 -19.44 5.91 -7.15
C GLY A 78 -18.99 5.94 -8.60
N ILE A 79 -19.72 6.71 -9.40
CA ILE A 79 -19.49 6.71 -10.85
C ILE A 79 -18.08 7.19 -11.18
N ALA A 80 -17.59 8.21 -10.45
CA ALA A 80 -16.27 8.74 -10.74
C ALA A 80 -15.18 7.73 -10.42
N MET A 81 -15.34 7.00 -9.31
CA MET A 81 -14.36 5.99 -8.94
C MET A 81 -14.37 4.82 -9.92
N ILE A 82 -15.55 4.47 -10.42
CA ILE A 82 -15.64 3.43 -11.45
C ILE A 82 -14.92 3.88 -12.71
N THR A 83 -15.09 5.15 -13.08
CA THR A 83 -14.40 5.68 -14.26
C THR A 83 -12.89 5.61 -14.08
N ARG A 84 -12.40 6.04 -12.91
CA ARG A 84 -10.97 6.02 -12.65
C ARG A 84 -10.44 4.59 -12.66
N GLY A 85 -11.11 3.69 -11.94
CA GLY A 85 -10.67 2.30 -11.92
C GLY A 85 -10.63 1.69 -13.31
N SER A 86 -11.64 2.00 -14.13
CA SER A 86 -11.65 1.49 -15.50
C SER A 86 -10.47 2.03 -16.28
N ASN A 87 -10.12 3.31 -16.07
CA ASN A 87 -8.96 3.88 -16.74
C ASN A 87 -7.66 3.20 -16.31
N TYR A 88 -7.52 2.94 -15.01
CA TYR A 88 -6.32 2.25 -14.54
C TYR A 88 -6.19 0.89 -15.20
N LEU A 89 -7.30 0.16 -15.31
CA LEU A 89 -7.25 -1.15 -15.94
C LEU A 89 -6.86 -1.05 -17.40
N LYS A 90 -7.40 -0.07 -18.12
CA LYS A 90 -7.07 0.10 -19.53
C LYS A 90 -5.60 0.46 -19.71
N ALA A 91 -5.04 1.25 -18.80
CA ALA A 91 -3.65 1.67 -18.91
C ALA A 91 -2.66 0.60 -18.44
N ALA A 92 -3.15 -0.44 -17.78
CA ALA A 92 -2.28 -1.49 -17.27
C ALA A 92 -1.71 -2.30 -18.43
N PRO A 93 -0.53 -2.90 -18.26
CA PRO A 93 0.02 -3.75 -19.32
C PRO A 93 -0.83 -5.00 -19.50
N VAL A 94 -0.81 -5.51 -20.73
CA VAL A 94 -1.67 -6.65 -21.07
C VAL A 94 -1.39 -7.83 -20.15
N GLU A 95 -0.12 -8.03 -19.78
CA GLU A 95 0.22 -9.16 -18.93
C GLU A 95 -0.50 -9.08 -17.58
N LEU A 96 -0.63 -7.87 -17.02
CA LEU A 96 -1.33 -7.73 -15.75
C LEU A 96 -2.82 -8.00 -15.92
N ARG A 97 -3.44 -7.43 -16.96
CA ARG A 97 -4.87 -7.65 -17.16
C ARG A 97 -5.17 -9.12 -17.38
N GLN A 98 -4.38 -9.79 -18.20
CA GLN A 98 -4.59 -11.22 -18.45
C GLN A 98 -4.43 -12.02 -17.17
N TRP A 99 -3.44 -11.67 -16.34
CA TRP A 99 -3.23 -12.39 -15.09
C TRP A 99 -4.37 -12.12 -14.11
N LEU A 100 -4.83 -10.88 -14.02
CA LEU A 100 -5.94 -10.57 -13.11
C LEU A 100 -7.20 -11.32 -13.50
N GLU A 101 -7.46 -11.43 -14.80
CA GLU A 101 -8.63 -12.20 -15.24
C GLU A 101 -8.48 -13.67 -14.86
N GLU A 102 -7.26 -14.19 -14.84
CA GLU A 102 -7.06 -15.59 -14.50
C GLU A 102 -7.25 -15.84 -13.01
N VAL A 103 -6.77 -14.94 -12.17
CA VAL A 103 -6.76 -15.17 -10.72
C VAL A 103 -8.02 -14.64 -10.06
N LEU A 104 -8.50 -13.46 -10.45
CA LEU A 104 -9.67 -12.88 -9.78
C LEU A 104 -10.98 -13.47 -10.26
N LEU A 105 -11.01 -14.10 -11.44
CA LEU A 105 -12.24 -14.65 -11.98
C LEU A 105 -12.14 -16.16 -12.12
N GLN B 3 -15.30 -9.99 23.12
CA GLN B 3 -16.28 -10.26 22.06
C GLN B 3 -16.56 -9.01 21.24
N GLN B 4 -17.45 -9.15 20.27
CA GLN B 4 -17.84 -8.05 19.40
C GLN B 4 -19.28 -8.26 18.97
N SER B 5 -20.00 -7.16 18.77
CA SER B 5 -21.39 -7.26 18.36
C SER B 5 -21.44 -7.88 16.96
N PRO B 6 -22.51 -8.64 16.66
CA PRO B 6 -22.57 -9.31 15.33
C PRO B 6 -22.41 -8.37 14.14
N TYR B 7 -22.98 -7.16 14.21
CA TYR B 7 -22.82 -6.22 13.10
C TYR B 7 -21.35 -5.88 12.90
N SER B 8 -20.68 -5.44 13.97
CA SER B 8 -19.27 -5.09 13.85
C SER B 8 -18.42 -6.30 13.49
N ALA B 9 -18.75 -7.46 14.06
CA ALA B 9 -17.98 -8.67 13.75
C ALA B 9 -18.14 -9.08 12.29
N ALA B 10 -19.35 -8.98 11.76
CA ALA B 10 -19.58 -9.34 10.36
C ALA B 10 -18.80 -8.42 9.43
N MET B 11 -18.80 -7.12 9.72
N MET B 11 -18.82 -7.11 9.72
CA MET B 11 -18.03 -6.18 8.92
CA MET B 11 -18.03 -6.18 8.94
C MET B 11 -16.54 -6.47 9.05
C MET B 11 -16.54 -6.48 9.06
N ALA B 12 -16.07 -6.67 10.28
CA ALA B 12 -14.63 -6.91 10.49
C ALA B 12 -14.16 -8.15 9.75
N GLU B 13 -14.96 -9.23 9.76
CA GLU B 13 -14.56 -10.44 9.08
C GLU B 13 -14.50 -10.24 7.57
N GLN B 14 -15.47 -9.50 7.01
CA GLN B 14 -15.41 -9.16 5.59
C GLN B 14 -14.14 -8.39 5.26
N ARG B 15 -13.85 -7.32 6.01
CA ARG B 15 -12.65 -6.54 5.76
C ARG B 15 -11.41 -7.41 5.89
N HIS B 16 -11.40 -8.32 6.87
CA HIS B 16 -10.25 -9.20 7.04
C HIS B 16 -10.04 -10.07 5.80
N GLN B 17 -11.10 -10.69 5.31
CA GLN B 17 -10.98 -11.55 4.12
C GLN B 17 -10.54 -10.74 2.91
N GLU B 18 -11.05 -9.51 2.79
CA GLU B 18 -10.68 -8.66 1.65
C GLU B 18 -9.23 -8.23 1.73
N TRP B 19 -8.73 -7.97 2.95
CA TRP B 19 -7.34 -7.61 3.12
C TRP B 19 -6.43 -8.78 2.76
N LEU B 20 -6.74 -9.97 3.26
CA LEU B 20 -5.93 -11.14 2.93
C LEU B 20 -5.95 -11.41 1.43
N ARG B 21 -7.06 -11.11 0.75
CA ARG B 21 -7.08 -11.30 -0.70
C ARG B 21 -6.11 -10.36 -1.38
N PHE B 22 -6.03 -9.11 -0.93
CA PHE B 22 -5.05 -8.18 -1.48
C PHE B 22 -3.63 -8.65 -1.18
N VAL B 23 -3.38 -9.06 0.06
CA VAL B 23 -2.05 -9.51 0.44
C VAL B 23 -1.63 -10.69 -0.44
N ASP B 24 -2.54 -11.64 -0.65
CA ASP B 24 -2.20 -12.83 -1.43
C ASP B 24 -2.04 -12.47 -2.91
N LEU B 25 -2.89 -11.58 -3.42
CA LEU B 25 -2.75 -11.14 -4.80
C LEU B 25 -1.37 -10.51 -5.04
N LEU B 26 -0.95 -9.63 -4.13
CA LEU B 26 0.35 -8.99 -4.27
C LEU B 26 1.48 -9.98 -4.09
N LYS B 27 1.34 -10.92 -3.15
CA LYS B 27 2.33 -11.98 -3.00
C LYS B 27 2.58 -12.68 -4.33
N ASN B 28 1.50 -13.08 -5.00
CA ASN B 28 1.64 -13.80 -6.27
C ASN B 28 2.14 -12.88 -7.38
N ALA B 29 1.79 -11.59 -7.33
CA ALA B 29 2.30 -10.66 -8.33
C ALA B 29 3.82 -10.55 -8.25
N TYR B 30 4.37 -10.45 -7.03
CA TYR B 30 5.81 -10.48 -6.87
C TYR B 30 6.42 -11.72 -7.49
N GLN B 31 5.79 -12.88 -7.29
CA GLN B 31 6.32 -14.12 -7.81
C GLN B 31 6.25 -14.17 -9.34
N ASN B 32 5.31 -13.45 -9.94
CA ASN B 32 5.16 -13.40 -11.38
C ASN B 32 5.80 -12.16 -12.01
N ASP B 33 6.55 -11.38 -11.23
CA ASP B 33 7.16 -10.15 -11.71
C ASP B 33 6.12 -9.15 -12.23
N LEU B 34 4.94 -9.15 -11.63
CA LEU B 34 3.86 -8.24 -11.97
C LEU B 34 3.57 -7.25 -10.85
N HIS B 35 4.43 -7.19 -9.83
CA HIS B 35 4.17 -6.34 -8.67
C HIS B 35 4.15 -4.86 -9.03
N LEU B 36 5.06 -4.40 -9.90
CA LEU B 36 5.07 -2.99 -10.24
C LEU B 36 3.79 -2.55 -10.92
N PRO B 37 3.32 -3.19 -11.99
CA PRO B 37 2.04 -2.76 -12.56
C PRO B 37 0.85 -2.98 -11.64
N LEU B 38 0.85 -4.03 -10.81
CA LEU B 38 -0.25 -4.19 -9.86
C LEU B 38 -0.29 -3.03 -8.88
N LEU B 39 0.87 -2.63 -8.36
CA LEU B 39 0.88 -1.54 -7.38
C LEU B 39 0.54 -0.21 -8.03
N ASN B 40 0.90 0.00 -9.30
CA ASN B 40 0.48 1.20 -10.00
C ASN B 40 -1.04 1.24 -10.16
N LEU B 41 -1.64 0.07 -10.39
CA LEU B 41 -3.10 -0.02 -10.51
C LEU B 41 -3.78 0.25 -9.18
N MET B 42 -3.24 -0.28 -8.08
CA MET B 42 -3.93 -0.25 -6.80
C MET B 42 -3.65 1.00 -5.97
N LEU B 43 -2.61 1.76 -6.32
CA LEU B 43 -2.20 2.92 -5.53
C LEU B 43 -2.08 4.14 -6.44
N LEU B 44 -2.63 5.26 -5.98
CA LEU B 44 -2.48 6.51 -6.70
C LEU B 44 -1.04 7.01 -6.60
N PRO B 45 -0.62 7.86 -7.53
CA PRO B 45 0.76 8.39 -7.44
C PRO B 45 1.10 9.03 -6.11
N ASP B 46 0.20 9.85 -5.55
CA ASP B 46 0.50 10.49 -4.27
C ASP B 46 0.55 9.47 -3.13
N GLU B 47 -0.18 8.36 -3.26
CA GLU B 47 -0.09 7.30 -2.25
C GLU B 47 1.23 6.56 -2.35
N ARG B 48 1.71 6.31 -3.57
CA ARG B 48 3.01 5.69 -3.73
C ARG B 48 4.10 6.58 -3.16
N GLU B 49 4.02 7.89 -3.41
CA GLU B 49 5.01 8.81 -2.85
C GLU B 49 4.97 8.79 -1.32
N ALA B 50 3.78 8.79 -0.73
CA ALA B 50 3.68 8.73 0.72
C ALA B 50 4.35 7.48 1.27
N LEU B 51 4.16 6.33 0.61
CA LEU B 51 4.79 5.11 1.09
C LEU B 51 6.30 5.20 0.99
N GLY B 52 6.82 5.75 -0.10
CA GLY B 52 8.26 5.93 -0.20
C GLY B 52 8.79 6.82 0.90
N THR B 53 8.05 7.87 1.24
CA THR B 53 8.48 8.79 2.29
C THR B 53 8.37 8.14 3.67
N ARG B 54 7.33 7.35 3.90
CA ARG B 54 7.20 6.66 5.18
C ARG B 54 8.37 5.72 5.42
N VAL B 55 8.87 5.06 4.38
CA VAL B 55 10.06 4.23 4.55
C VAL B 55 11.23 5.08 5.05
N ARG B 56 11.41 6.26 4.47
CA ARG B 56 12.50 7.13 4.91
C ARG B 56 12.30 7.60 6.35
N ILE B 57 11.06 7.91 6.73
CA ILE B 57 10.79 8.31 8.11
C ILE B 57 11.15 7.19 9.07
N VAL B 58 10.69 5.97 8.76
CA VAL B 58 11.02 4.81 9.60
C VAL B 58 12.53 4.64 9.70
N GLU B 59 13.21 4.71 8.55
CA GLU B 59 14.66 4.53 8.51
C GLU B 59 15.35 5.56 9.41
N GLU B 60 14.97 6.83 9.26
CA GLU B 60 15.65 7.89 10.00
C GLU B 60 15.29 7.88 11.47
N LEU B 61 14.08 7.44 11.82
CA LEU B 61 13.74 7.26 13.23
C LEU B 61 14.60 6.17 13.85
N LEU B 62 14.79 5.05 13.14
CA LEU B 62 15.63 3.97 13.65
C LEU B 62 17.10 4.38 13.68
N ARG B 63 17.55 5.15 12.70
CA ARG B 63 18.96 5.56 12.67
C ARG B 63 19.29 6.51 13.81
N GLY B 64 18.38 7.42 14.14
CA GLY B 64 18.54 8.28 15.29
C GLY B 64 19.43 9.49 15.10
N GLU B 65 19.84 9.80 13.87
CA GLU B 65 20.80 10.87 13.61
C GLU B 65 20.13 12.16 13.14
N MET B 66 19.07 12.07 12.35
CA MET B 66 18.38 13.24 11.85
C MET B 66 17.61 13.93 12.98
N SER B 67 17.65 15.25 13.00
CA SER B 67 16.97 16.02 14.02
C SER B 67 15.50 16.20 13.67
N GLN B 68 14.75 16.75 14.62
CA GLN B 68 13.33 17.01 14.38
C GLN B 68 13.13 18.02 13.27
N ARG B 69 13.94 19.10 13.26
CA ARG B 69 13.81 20.09 12.20
C ARG B 69 14.16 19.48 10.84
N GLU B 70 15.16 18.60 10.81
CA GLU B 70 15.53 17.96 9.55
C GLU B 70 14.45 17.00 9.06
N LEU B 71 13.82 16.26 9.98
CA LEU B 71 12.72 15.39 9.57
C LEU B 71 11.58 16.21 8.97
N LYS B 72 11.31 17.38 9.53
CA LYS B 72 10.25 18.23 8.98
C LYS B 72 10.66 18.79 7.63
N ASN B 73 11.86 19.36 7.53
CA ASN B 73 12.26 20.07 6.31
C ASN B 73 12.62 19.11 5.18
N GLU B 74 13.12 17.91 5.49
CA GLU B 74 13.55 16.99 4.45
C GLU B 74 12.50 15.96 4.07
N LEU B 75 11.65 15.56 5.03
CA LEU B 75 10.67 14.51 4.80
C LEU B 75 9.23 14.96 5.06
N GLY B 76 9.03 16.23 5.40
CA GLY B 76 7.69 16.75 5.66
C GLY B 76 7.03 16.20 6.90
N ALA B 77 7.80 15.64 7.83
CA ALA B 77 7.26 14.98 9.00
C ALA B 77 7.35 15.92 10.21
N GLY B 78 6.20 16.48 10.60
CA GLY B 78 6.11 17.29 11.80
C GLY B 78 6.07 16.45 13.06
N ILE B 79 5.94 17.16 14.19
CA ILE B 79 6.03 16.50 15.49
C ILE B 79 4.93 15.45 15.65
N ALA B 80 3.72 15.77 15.20
CA ALA B 80 2.63 14.80 15.31
C ALA B 80 2.93 13.54 14.51
N MET B 81 3.42 13.69 13.28
CA MET B 81 3.69 12.53 12.45
CA MET B 81 3.71 12.54 12.43
C MET B 81 4.87 11.73 12.98
N ILE B 82 5.89 12.40 13.51
CA ILE B 82 7.02 11.70 14.12
C ILE B 82 6.55 10.91 15.33
N THR B 83 5.66 11.51 16.14
CA THR B 83 5.12 10.82 17.30
C THR B 83 4.33 9.58 16.88
N ARG B 84 3.49 9.70 15.85
CA ARG B 84 2.74 8.55 15.37
C ARG B 84 3.68 7.47 14.85
N GLY B 85 4.62 7.85 13.99
CA GLY B 85 5.55 6.87 13.44
C GLY B 85 6.34 6.17 14.52
N SER B 86 6.77 6.92 15.55
CA SER B 86 7.49 6.31 16.65
C SER B 86 6.60 5.32 17.41
N ASN B 87 5.33 5.68 17.57
CA ASN B 87 4.39 4.78 18.24
C ASN B 87 4.15 3.52 17.42
N TYR B 88 4.06 3.64 16.09
CA TYR B 88 3.90 2.44 15.26
C TYR B 88 5.10 1.52 15.42
N LEU B 89 6.31 2.09 15.46
CA LEU B 89 7.51 1.27 15.60
C LEU B 89 7.54 0.57 16.96
N LYS B 90 7.15 1.28 18.03
CA LYS B 90 7.12 0.67 19.34
C LYS B 90 6.10 -0.45 19.41
N ALA B 91 4.98 -0.30 18.72
CA ALA B 91 3.92 -1.31 18.75
C ALA B 91 4.21 -2.50 17.86
N ALA B 92 5.12 -2.37 16.90
CA ALA B 92 5.43 -3.47 16.01
C ALA B 92 6.14 -4.59 16.77
N PRO B 93 6.06 -5.82 16.28
CA PRO B 93 6.82 -6.91 16.91
C PRO B 93 8.30 -6.62 16.86
N VAL B 94 8.99 -6.99 17.93
CA VAL B 94 10.45 -6.80 18.00
C VAL B 94 11.11 -7.43 16.78
N GLU B 95 10.60 -8.58 16.33
CA GLU B 95 11.18 -9.25 15.18
C GLU B 95 11.17 -8.35 13.95
N LEU B 96 10.08 -7.60 13.73
CA LEU B 96 10.05 -6.70 12.58
C LEU B 96 11.03 -5.56 12.75
N ARG B 97 11.07 -4.96 13.94
CA ARG B 97 11.97 -3.84 14.17
C ARG B 97 13.42 -4.26 13.95
N GLN B 98 13.81 -5.42 14.48
CA GLN B 98 15.17 -5.89 14.30
C GLN B 98 15.48 -6.15 12.83
N TRP B 99 14.51 -6.72 12.10
CA TRP B 99 14.71 -6.95 10.68
C TRP B 99 14.83 -5.62 9.92
N LEU B 100 13.99 -4.64 10.27
CA LEU B 100 14.07 -3.33 9.62
C LEU B 100 15.43 -2.69 9.86
N GLU B 101 15.96 -2.82 11.08
CA GLU B 101 17.29 -2.27 11.35
C GLU B 101 18.34 -2.92 10.46
N GLU B 102 18.22 -4.22 10.22
CA GLU B 102 19.20 -4.92 9.40
C GLU B 102 19.10 -4.51 7.94
N VAL B 103 17.88 -4.38 7.41
CA VAL B 103 17.73 -4.14 5.98
C VAL B 103 17.85 -2.66 5.65
N LEU B 104 17.32 -1.77 6.50
CA LEU B 104 17.31 -0.35 6.18
C LEU B 104 18.61 0.33 6.57
N LEU B 105 19.25 -0.09 7.67
CA LEU B 105 20.49 0.48 8.13
C LEU B 105 21.70 -0.34 7.69
N LYS B 106 21.56 -1.13 6.64
CA LYS B 106 22.67 -1.92 6.11
C LYS B 106 23.78 -1.01 5.60
C IAC C . -8.02 2.01 -7.74
C1 IAC C . -8.84 2.94 -7.18
C2 IAC C . -10.24 2.76 -7.22
C3 IAC C . -10.77 1.64 -7.83
C4 IAC C . -9.93 0.68 -8.40
C5 IAC C . -8.55 0.86 -8.36
C7 IAC C . -8.06 3.94 -6.65
C8 IAC C . -6.74 3.62 -6.89
C17 IAC C . -8.30 5.25 -5.89
C18 IAC C . -9.22 6.18 -6.63
N IAC C . -6.71 2.43 -7.57
O2 IAC C . -9.11 6.36 -7.87
O3 IAC C . -10.13 6.79 -5.99
H2 IAC C . -10.83 3.42 -6.81
H3 IAC C . -11.74 1.50 -7.86
H4 IAC C . -10.30 -0.10 -8.83
H5 IAC C . -7.96 0.21 -8.76
H8 IAC C . -5.96 4.15 -6.62
H171 IAC C . -7.43 5.70 -5.77
H172 IAC C . -8.68 5.04 -5.02
HN IAC C . -5.95 1.99 -7.85
C6 P3G D . -1.65 10.69 -0.19
O3 P3G D . -1.47 9.90 0.96
C7 P3G D . -1.51 8.53 0.71
C8 P3G D . -0.95 7.77 1.91
O4 P3G D . -0.84 6.42 1.58
C9 P3G D . -1.95 5.91 0.90
C10 P3G D . -1.85 4.39 0.85
O5 P3G D . -3.08 3.87 0.43
C11 P3G D . -4.19 4.58 0.90
C12 P3G D . -5.44 3.96 0.32
O6 P3G D . -6.51 4.86 0.49
C13 P3G D . -6.72 5.24 1.82
C14 P3G D . -7.80 6.33 1.85
O7 P3G D . -8.03 6.68 3.18
C15 P3G D . -7.50 5.80 4.13
C IAC E . 3.69 5.57 8.97
C1 IAC E . 3.18 6.83 8.86
C2 IAC E . 4.02 7.94 9.04
C3 IAC E . 5.35 7.76 9.33
C4 IAC E . 5.88 6.48 9.45
C5 IAC E . 5.05 5.38 9.27
C7 IAC E . 1.84 6.74 8.57
C8 IAC E . 1.52 5.40 8.51
C17 IAC E . 0.70 7.70 8.32
C18 IAC E . 0.56 8.72 9.43
N IAC E . 2.66 4.68 8.75
O2 IAC E . 0.52 8.35 10.63
O3 IAC E . 0.48 9.94 9.14
H2 IAC E . 3.65 8.84 8.96
H3 IAC E . 5.94 8.54 9.45
H4 IAC E . 6.83 6.36 9.65
H5 IAC E . 5.42 4.47 9.35
H8 IAC E . 0.64 5.03 8.31
H171 IAC E . -0.13 7.20 8.24
H172 IAC E . 0.87 8.17 7.47
HN IAC E . 2.72 3.76 8.77
#